data_1E3V
#
_entry.id   1E3V
#
_cell.length_a   36.580
_cell.length_b   75.210
_cell.length_c   96.130
_cell.angle_alpha   90.00
_cell.angle_beta   90.00
_cell.angle_gamma   90.00
#
_symmetry.space_group_name_H-M   'P 21 21 21'
#
loop_
_entity.id
_entity.type
_entity.pdbx_description
1 polymer 'STEROID DELTA-ISOMERASE'
2 non-polymer '(3ALPHA,5BETA,12ALPHA)-3,12-DIHYDROXYCHOLAN-24-OIC ACID'
3 water water
#
_entity_poly.entity_id   1
_entity_poly.type   'polypeptide(L)'
_entity_poly.pdbx_seq_one_letter_code
;MNLPTAQEVQGLMARYIELVDVGDIEAIVQMYADDATVEDPFGQPPIHGREQIAAFYRQGLGGGKVRACLTGPVRASHNG
CGAMPFRVEMVWNGQPCALDVIDVMRFDEHGRIQTMQAYWSEVNLSVREPQ
;
_entity_poly.pdbx_strand_id   A,B
#
loop_
_chem_comp.id
_chem_comp.type
_chem_comp.name
_chem_comp.formula
DXC non-polymer '(3ALPHA,5BETA,12ALPHA)-3,12-DIHYDROXYCHOLAN-24-OIC ACID' 'C24 H40 O4'
#
# COMPACT_ATOMS: atom_id res chain seq x y z
N ASN A 2 -13.96 17.43 9.52
CA ASN A 2 -13.75 16.12 10.21
C ASN A 2 -12.78 15.25 9.41
N LEU A 3 -11.51 15.33 9.75
CA LEU A 3 -10.50 14.50 9.09
C LEU A 3 -10.74 13.14 9.73
N PRO A 4 -11.07 12.12 8.92
CA PRO A 4 -11.34 10.77 9.41
C PRO A 4 -10.27 10.22 10.34
N THR A 5 -10.72 9.57 11.41
CA THR A 5 -9.80 8.96 12.36
C THR A 5 -9.36 7.64 11.70
N ALA A 6 -8.40 6.96 12.30
CA ALA A 6 -7.89 5.70 11.77
C ALA A 6 -9.04 4.71 11.61
N GLN A 7 -9.92 4.67 12.59
CA GLN A 7 -11.06 3.77 12.57
C GLN A 7 -12.03 4.12 11.45
N GLU A 8 -12.20 5.41 11.19
CA GLU A 8 -13.10 5.87 10.15
C GLU A 8 -12.53 5.60 8.76
N VAL A 9 -11.21 5.71 8.63
CA VAL A 9 -10.54 5.45 7.35
C VAL A 9 -10.78 3.98 6.98
N GLN A 10 -10.70 3.09 7.96
CA GLN A 10 -10.95 1.67 7.73
C GLN A 10 -12.36 1.43 7.18
N GLY A 11 -13.34 2.13 7.74
CA GLY A 11 -14.70 1.98 7.29
C GLY A 11 -14.93 2.56 5.90
N LEU A 12 -14.36 3.74 5.63
CA LEU A 12 -14.51 4.38 4.33
C LEU A 12 -13.90 3.56 3.20
N MET A 13 -12.70 3.04 3.41
CA MET A 13 -12.03 2.26 2.40
C MET A 13 -12.70 0.91 2.16
N ALA A 14 -13.25 0.30 3.20
CA ALA A 14 -13.95 -0.97 3.04
C ALA A 14 -15.23 -0.71 2.25
N ARG A 15 -15.84 0.46 2.49
CA ARG A 15 -17.07 0.81 1.78
C ARG A 15 -16.77 0.98 0.30
N TYR A 16 -15.64 1.62 -0.01
CA TYR A 16 -15.23 1.81 -1.40
C TYR A 16 -15.15 0.47 -2.15
N ILE A 17 -14.48 -0.51 -1.55
CA ILE A 17 -14.38 -1.83 -2.18
C ILE A 17 -15.78 -2.42 -2.41
N GLU A 18 -16.67 -2.23 -1.44
CA GLU A 18 -18.04 -2.72 -1.56
C GLU A 18 -18.76 -2.06 -2.72
N LEU A 19 -18.51 -0.78 -2.93
CA LEU A 19 -19.15 -0.06 -4.03
C LEU A 19 -18.62 -0.53 -5.38
N VAL A 20 -17.32 -0.82 -5.45
CA VAL A 20 -16.71 -1.30 -6.68
C VAL A 20 -17.29 -2.69 -6.95
N ASP A 21 -17.40 -3.49 -5.90
CA ASP A 21 -17.93 -4.83 -6.01
C ASP A 21 -19.35 -4.87 -6.60
N VAL A 22 -20.24 -4.00 -6.11
CA VAL A 22 -21.61 -3.98 -6.64
C VAL A 22 -21.70 -3.21 -7.95
N GLY A 23 -20.74 -2.30 -8.17
CA GLY A 23 -20.72 -1.53 -9.39
C GLY A 23 -21.57 -0.28 -9.38
N ASP A 24 -21.72 0.34 -8.21
CA ASP A 24 -22.51 1.56 -8.12
C ASP A 24 -21.59 2.74 -8.41
N ILE A 25 -21.51 3.09 -9.69
CA ILE A 25 -20.67 4.17 -10.19
C ILE A 25 -20.95 5.53 -9.57
N GLU A 26 -22.22 5.91 -9.49
CA GLU A 26 -22.59 7.20 -8.92
C GLU A 26 -22.18 7.33 -7.46
N ALA A 27 -22.32 6.23 -6.71
CA ALA A 27 -21.96 6.23 -5.29
C ALA A 27 -20.46 6.34 -5.11
N ILE A 28 -19.71 5.71 -6.02
CA ILE A 28 -18.25 5.77 -5.98
C ILE A 28 -17.79 7.21 -6.25
N VAL A 29 -18.30 7.79 -7.32
CA VAL A 29 -17.95 9.16 -7.69
C VAL A 29 -18.23 10.16 -6.55
N GLN A 30 -19.29 9.92 -5.79
CA GLN A 30 -19.64 10.79 -4.67
C GLN A 30 -18.64 10.71 -3.51
N MET A 31 -17.91 9.61 -3.41
CA MET A 31 -16.91 9.46 -2.35
C MET A 31 -15.70 10.36 -2.57
N TYR A 32 -15.52 10.79 -3.81
CA TYR A 32 -14.38 11.64 -4.18
C TYR A 32 -14.65 13.11 -4.03
N ALA A 33 -13.60 13.87 -3.72
CA ALA A 33 -13.74 15.31 -3.62
C ALA A 33 -13.95 15.77 -5.07
N ASP A 34 -14.55 16.95 -5.26
CA ASP A 34 -14.82 17.46 -6.60
C ASP A 34 -13.58 17.63 -7.48
N ASP A 35 -12.45 17.90 -6.84
CA ASP A 35 -11.19 18.13 -7.53
C ASP A 35 -10.16 17.05 -7.22
N ALA A 36 -10.64 15.86 -6.89
CA ALA A 36 -9.78 14.73 -6.55
C ALA A 36 -8.91 14.28 -7.72
N THR A 37 -7.85 13.55 -7.43
CA THR A 37 -6.97 13.01 -8.46
C THR A 37 -6.87 11.51 -8.24
N VAL A 38 -6.70 10.78 -9.33
CA VAL A 38 -6.59 9.34 -9.31
C VAL A 38 -5.42 9.00 -10.24
N GLU A 39 -4.53 8.14 -9.75
CA GLU A 39 -3.39 7.66 -10.54
C GLU A 39 -3.57 6.15 -10.52
N ASP A 40 -4.14 5.62 -11.59
CA ASP A 40 -4.42 4.19 -11.68
C ASP A 40 -4.14 3.66 -13.10
N PRO A 41 -3.05 2.87 -13.26
CA PRO A 41 -2.12 2.49 -12.20
C PRO A 41 -1.12 3.61 -11.90
N PHE A 42 -0.47 3.52 -10.74
CA PHE A 42 0.52 4.51 -10.37
C PHE A 42 1.62 4.43 -11.42
N GLY A 43 2.05 5.60 -11.88
CA GLY A 43 3.05 5.67 -12.93
C GLY A 43 2.42 6.37 -14.12
N GLN A 44 1.11 6.18 -14.30
CA GLN A 44 0.39 6.79 -15.40
C GLN A 44 -0.06 8.20 -15.02
N PRO A 45 -0.30 9.07 -16.02
CA PRO A 45 -0.74 10.44 -15.77
C PRO A 45 -2.04 10.42 -14.98
N PRO A 46 -2.18 11.31 -14.00
CA PRO A 46 -3.38 11.41 -13.16
C PRO A 46 -4.61 11.95 -13.87
N ILE A 47 -5.78 11.49 -13.45
CA ILE A 47 -7.01 12.02 -14.00
C ILE A 47 -7.46 12.99 -12.90
N HIS A 48 -8.10 14.08 -13.28
CA HIS A 48 -8.50 15.07 -12.30
C HIS A 48 -9.95 15.48 -12.41
N GLY A 49 -10.60 15.59 -11.25
CA GLY A 49 -11.98 16.02 -11.21
C GLY A 49 -13.02 14.93 -11.37
N ARG A 50 -14.19 15.17 -10.77
CA ARG A 50 -15.29 14.22 -10.82
C ARG A 50 -15.74 13.76 -12.21
N GLU A 51 -15.72 14.66 -13.21
CA GLU A 51 -16.13 14.27 -14.56
C GLU A 51 -15.22 13.18 -15.13
N GLN A 52 -13.90 13.39 -15.05
CA GLN A 52 -12.91 12.42 -15.54
C GLN A 52 -12.96 11.15 -14.72
N ILE A 53 -13.13 11.29 -13.40
CA ILE A 53 -13.19 10.14 -12.51
C ILE A 53 -14.44 9.30 -12.81
N ALA A 54 -15.56 9.96 -13.10
CA ALA A 54 -16.78 9.25 -13.43
C ALA A 54 -16.58 8.47 -14.74
N ALA A 55 -15.95 9.10 -15.73
CA ALA A 55 -15.68 8.46 -17.02
C ALA A 55 -14.78 7.24 -16.81
N PHE A 56 -13.79 7.41 -15.95
CA PHE A 56 -12.86 6.34 -15.61
C PHE A 56 -13.58 5.11 -15.09
N TYR A 57 -14.43 5.31 -14.07
CA TYR A 57 -15.18 4.22 -13.47
C TYR A 57 -16.24 3.62 -14.38
N ARG A 58 -16.88 4.47 -15.18
CA ARG A 58 -17.90 4.01 -16.11
C ARG A 58 -17.24 3.11 -17.16
N GLN A 59 -16.04 3.49 -17.60
CA GLN A 59 -15.29 2.69 -18.57
C GLN A 59 -14.91 1.33 -17.98
N GLY A 60 -14.23 1.37 -16.83
CA GLY A 60 -13.80 0.14 -16.18
C GLY A 60 -14.84 -0.80 -15.63
N LEU A 61 -15.93 -0.26 -15.10
CA LEU A 61 -16.98 -1.10 -14.50
C LEU A 61 -18.24 -1.29 -15.35
N GLY A 62 -18.50 -0.36 -16.26
CA GLY A 62 -19.69 -0.42 -17.09
C GLY A 62 -19.90 -1.67 -17.94
N GLY A 63 -18.81 -2.19 -18.50
CA GLY A 63 -18.89 -3.38 -19.34
C GLY A 63 -19.19 -4.69 -18.64
N GLY A 64 -18.22 -5.59 -18.67
CA GLY A 64 -18.40 -6.88 -18.02
C GLY A 64 -18.51 -6.75 -16.52
N LYS A 65 -18.99 -7.80 -15.86
CA LYS A 65 -19.13 -7.81 -14.41
C LYS A 65 -17.79 -7.91 -13.70
N VAL A 66 -17.59 -7.04 -12.73
CA VAL A 66 -16.36 -7.00 -11.96
C VAL A 66 -16.68 -7.31 -10.49
N ARG A 67 -15.80 -8.08 -9.86
CA ARG A 67 -15.93 -8.42 -8.46
C ARG A 67 -14.66 -7.97 -7.75
N ALA A 68 -14.81 -7.42 -6.55
CA ALA A 68 -13.67 -6.95 -5.78
C ALA A 68 -13.86 -7.30 -4.32
N CYS A 69 -12.78 -7.77 -3.71
CA CYS A 69 -12.79 -8.14 -2.30
C CYS A 69 -11.46 -7.80 -1.59
N LEU A 70 -11.56 -7.35 -0.35
CA LEU A 70 -10.37 -7.04 0.44
C LEU A 70 -9.70 -8.39 0.70
N THR A 71 -8.38 -8.42 0.61
CA THR A 71 -7.65 -9.65 0.85
C THR A 71 -6.85 -9.57 2.15
N GLY A 72 -6.99 -8.45 2.83
CA GLY A 72 -6.30 -8.22 4.10
C GLY A 72 -6.90 -6.98 4.74
N PRO A 73 -6.57 -6.68 6.00
CA PRO A 73 -7.13 -5.50 6.66
C PRO A 73 -6.61 -4.18 6.09
N VAL A 74 -7.43 -3.15 6.22
CA VAL A 74 -7.05 -1.81 5.77
C VAL A 74 -6.08 -1.24 6.80
N ARG A 75 -4.95 -0.73 6.32
CA ARG A 75 -3.94 -0.12 7.17
C ARG A 75 -4.27 1.36 7.23
N ALA A 76 -4.55 1.87 8.42
CA ALA A 76 -4.92 3.28 8.54
C ALA A 76 -3.95 4.06 9.40
N SER A 77 -3.68 5.30 8.99
CA SER A 77 -2.78 6.19 9.69
C SER A 77 -3.63 7.20 10.47
N HIS A 78 -2.98 8.07 11.23
CA HIS A 78 -3.67 9.08 12.03
C HIS A 78 -3.81 10.41 11.27
N ASN A 79 -3.31 10.47 10.05
CA ASN A 79 -3.43 11.70 9.27
C ASN A 79 -4.40 11.60 8.09
N GLY A 80 -5.44 10.78 8.26
CA GLY A 80 -6.45 10.62 7.23
C GLY A 80 -6.04 9.85 6.00
N CYS A 81 -5.04 9.00 6.12
CA CYS A 81 -4.60 8.22 4.97
C CYS A 81 -4.69 6.74 5.28
N GLY A 82 -4.77 5.91 4.24
CA GLY A 82 -4.85 4.48 4.44
C GLY A 82 -4.37 3.72 3.22
N ALA A 83 -4.16 2.42 3.39
CA ALA A 83 -3.71 1.56 2.31
C ALA A 83 -4.36 0.21 2.50
N MET A 84 -4.78 -0.43 1.41
CA MET A 84 -5.43 -1.72 1.50
C MET A 84 -5.12 -2.63 0.34
N PRO A 85 -5.05 -3.94 0.58
CA PRO A 85 -4.76 -4.94 -0.46
C PRO A 85 -6.06 -5.61 -0.89
N PHE A 86 -6.28 -5.75 -2.19
CA PHE A 86 -7.49 -6.40 -2.66
C PHE A 86 -7.31 -7.08 -4.01
N ARG A 87 -8.26 -7.93 -4.36
CA ARG A 87 -8.22 -8.63 -5.62
C ARG A 87 -9.44 -8.24 -6.43
N VAL A 88 -9.24 -8.09 -7.73
CA VAL A 88 -10.30 -7.73 -8.65
C VAL A 88 -10.41 -8.88 -9.64
N GLU A 89 -11.64 -9.28 -9.92
CA GLU A 89 -11.89 -10.34 -10.88
C GLU A 89 -12.74 -9.72 -11.96
N MET A 90 -12.33 -9.89 -13.21
CA MET A 90 -13.10 -9.32 -14.29
C MET A 90 -13.16 -10.30 -15.45
N VAL A 91 -13.55 -9.80 -16.62
CA VAL A 91 -13.66 -10.61 -17.81
C VAL A 91 -13.13 -9.81 -19.00
N TRP A 92 -12.45 -10.49 -19.92
CA TRP A 92 -11.93 -9.87 -21.14
C TRP A 92 -12.45 -10.74 -22.28
N ASN A 93 -13.43 -10.22 -23.01
CA ASN A 93 -14.02 -10.96 -24.14
C ASN A 93 -14.49 -12.35 -23.73
N GLY A 94 -15.17 -12.44 -22.59
CA GLY A 94 -15.67 -13.71 -22.10
C GLY A 94 -14.69 -14.52 -21.27
N GLN A 95 -13.43 -14.09 -21.22
CA GLN A 95 -12.42 -14.82 -20.45
C GLN A 95 -12.15 -14.20 -19.08
N PRO A 96 -12.30 -14.99 -18.02
CA PRO A 96 -12.06 -14.50 -16.65
C PRO A 96 -10.60 -14.13 -16.42
N CYS A 97 -10.42 -13.02 -15.72
CA CYS A 97 -9.10 -12.49 -15.40
C CYS A 97 -9.11 -12.10 -13.91
N ALA A 98 -7.93 -11.94 -13.34
CA ALA A 98 -7.78 -11.55 -11.94
C ALA A 98 -6.57 -10.64 -11.79
N LEU A 99 -6.64 -9.70 -10.86
CA LEU A 99 -5.57 -8.75 -10.61
C LEU A 99 -5.46 -8.44 -9.12
N ASP A 100 -4.23 -8.37 -8.61
CA ASP A 100 -3.98 -8.04 -7.21
C ASP A 100 -3.52 -6.60 -7.21
N VAL A 101 -4.16 -5.80 -6.36
CA VAL A 101 -3.90 -4.36 -6.29
C VAL A 101 -3.80 -3.86 -4.84
N ILE A 102 -3.12 -2.73 -4.67
CA ILE A 102 -3.02 -2.08 -3.39
C ILE A 102 -3.33 -0.63 -3.68
N ASP A 103 -4.35 -0.10 -3.02
CA ASP A 103 -4.73 1.29 -3.20
C ASP A 103 -4.28 2.10 -1.97
N VAL A 104 -3.77 3.29 -2.22
CA VAL A 104 -3.36 4.21 -1.17
C VAL A 104 -4.31 5.41 -1.35
N MET A 105 -4.97 5.83 -0.28
CA MET A 105 -5.91 6.95 -0.35
C MET A 105 -5.68 7.99 0.72
N ARG A 106 -5.96 9.24 0.37
CA ARG A 106 -5.84 10.35 1.29
C ARG A 106 -7.21 11.03 1.31
N PHE A 107 -7.80 11.16 2.49
CA PHE A 107 -9.10 11.79 2.63
C PHE A 107 -8.97 13.23 3.11
N ASP A 108 -9.98 14.05 2.84
CA ASP A 108 -9.95 15.43 3.30
C ASP A 108 -10.76 15.58 4.57
N GLU A 109 -10.89 16.81 5.06
CA GLU A 109 -11.66 17.07 6.28
C GLU A 109 -13.17 16.90 6.12
N HIS A 110 -13.60 16.35 5.01
CA HIS A 110 -15.02 16.12 4.75
C HIS A 110 -15.25 14.64 4.54
N GLY A 111 -14.23 13.83 4.82
CA GLY A 111 -14.35 12.40 4.64
C GLY A 111 -14.43 11.98 3.18
N ARG A 112 -13.94 12.83 2.28
CA ARG A 112 -13.94 12.53 0.86
C ARG A 112 -12.52 12.22 0.38
N ILE A 113 -12.41 11.32 -0.60
CA ILE A 113 -11.11 10.94 -1.16
C ILE A 113 -10.52 12.11 -1.94
N GLN A 114 -9.36 12.59 -1.49
CA GLN A 114 -8.69 13.70 -2.15
C GLN A 114 -7.76 13.17 -3.22
N THR A 115 -7.11 12.05 -2.95
CA THR A 115 -6.19 11.44 -3.90
C THR A 115 -6.22 9.93 -3.73
N MET A 116 -6.04 9.22 -4.84
CA MET A 116 -6.02 7.76 -4.83
C MET A 116 -4.92 7.31 -5.79
N GLN A 117 -4.13 6.33 -5.34
CA GLN A 117 -3.05 5.79 -6.14
C GLN A 117 -3.16 4.28 -6.07
N ALA A 118 -3.27 3.64 -7.23
CA ALA A 118 -3.38 2.19 -7.32
C ALA A 118 -2.07 1.58 -7.80
N TYR A 119 -1.52 0.67 -7.00
CA TYR A 119 -0.28 0.00 -7.34
C TYR A 119 -0.53 -1.38 -7.91
N TRP A 120 -0.10 -1.59 -9.15
CA TRP A 120 -0.23 -2.86 -9.85
C TRP A 120 0.39 -2.73 -11.24
N SER A 121 0.74 -3.87 -11.83
CA SER A 121 1.27 -3.89 -13.20
C SER A 121 0.93 -5.28 -13.72
N GLU A 122 1.35 -5.59 -14.94
CA GLU A 122 1.06 -6.89 -15.54
C GLU A 122 1.62 -8.06 -14.73
N VAL A 123 2.57 -7.78 -13.83
CA VAL A 123 3.13 -8.83 -12.99
C VAL A 123 2.09 -9.31 -11.97
N ASN A 124 1.05 -8.50 -11.76
CA ASN A 124 -0.02 -8.83 -10.81
C ASN A 124 -1.30 -9.29 -11.51
N LEU A 125 -1.24 -9.40 -12.83
CA LEU A 125 -2.40 -9.76 -13.65
C LEU A 125 -2.41 -11.19 -14.15
N SER A 126 -3.61 -11.73 -14.35
CA SER A 126 -3.80 -13.07 -14.88
C SER A 126 -4.96 -12.98 -15.86
N VAL A 127 -4.70 -13.22 -17.14
CA VAL A 127 -5.75 -13.13 -18.15
C VAL A 127 -6.26 -14.48 -18.61
N ARG A 128 -6.04 -15.50 -17.79
CA ARG A 128 -6.49 -16.83 -18.12
C ARG A 128 -6.75 -17.57 -16.81
N GLU A 129 -7.76 -17.12 -16.08
CA GLU A 129 -8.13 -17.71 -14.80
C GLU A 129 -9.43 -17.11 -14.30
N ASN B 2 12.69 4.28 -10.18
CA ASN B 2 13.30 4.73 -11.46
C ASN B 2 13.71 3.56 -12.36
N LEU B 3 14.97 3.14 -12.24
CA LEU B 3 15.55 2.06 -13.04
C LEU B 3 15.03 0.63 -12.87
N PRO B 4 14.85 0.16 -11.62
CA PRO B 4 14.36 -1.21 -11.49
C PRO B 4 13.01 -1.43 -12.18
N THR B 5 12.89 -2.54 -12.90
CA THR B 5 11.67 -2.91 -13.60
C THR B 5 10.69 -3.45 -12.57
N ALA B 6 9.43 -3.64 -12.98
CA ALA B 6 8.40 -4.16 -12.08
C ALA B 6 8.82 -5.47 -11.44
N GLN B 7 9.38 -6.38 -12.24
CA GLN B 7 9.84 -7.67 -11.73
C GLN B 7 10.99 -7.53 -10.74
N GLU B 8 11.86 -6.56 -10.97
CA GLU B 8 12.98 -6.31 -10.09
C GLU B 8 12.50 -5.68 -8.77
N VAL B 9 11.47 -4.82 -8.85
CA VAL B 9 10.92 -4.18 -7.66
C VAL B 9 10.37 -5.28 -6.75
N GLN B 10 9.69 -6.27 -7.34
CA GLN B 10 9.13 -7.38 -6.58
C GLN B 10 10.23 -8.14 -5.81
N GLY B 11 11.37 -8.34 -6.47
CA GLY B 11 12.48 -9.04 -5.84
C GLY B 11 13.15 -8.24 -4.73
N LEU B 12 13.39 -6.97 -4.99
CA LEU B 12 14.02 -6.08 -4.02
C LEU B 12 13.20 -5.97 -2.75
N MET B 13 11.90 -5.73 -2.92
CA MET B 13 11.00 -5.60 -1.78
C MET B 13 10.85 -6.91 -1.00
N ALA B 14 10.90 -8.04 -1.70
CA ALA B 14 10.81 -9.34 -1.04
C ALA B 14 12.11 -9.59 -0.25
N ARG B 15 13.23 -9.11 -0.80
CA ARG B 15 14.52 -9.28 -0.13
C ARG B 15 14.55 -8.43 1.13
N TYR B 16 13.98 -7.23 1.04
CA TYR B 16 13.92 -6.33 2.19
C TYR B 16 13.23 -7.04 3.37
N ILE B 17 12.09 -7.69 3.13
CA ILE B 17 11.38 -8.42 4.18
C ILE B 17 12.25 -9.55 4.76
N GLU B 18 12.99 -10.24 3.89
CA GLU B 18 13.86 -11.32 4.34
C GLU B 18 14.93 -10.80 5.30
N LEU B 19 15.51 -9.64 4.98
CA LEU B 19 16.54 -9.04 5.81
C LEU B 19 15.99 -8.57 7.15
N VAL B 20 14.75 -8.08 7.14
CA VAL B 20 14.08 -7.62 8.36
C VAL B 20 13.81 -8.85 9.23
N ASP B 21 13.35 -9.92 8.59
CA ASP B 21 13.05 -11.16 9.30
C ASP B 21 14.30 -11.75 9.99
N VAL B 22 15.45 -11.71 9.32
CA VAL B 22 16.68 -12.25 9.92
C VAL B 22 17.38 -11.24 10.83
N GLY B 23 16.97 -9.98 10.73
CA GLY B 23 17.57 -8.94 11.56
C GLY B 23 18.95 -8.44 11.19
N ASP B 24 19.27 -8.46 9.90
CA ASP B 24 20.58 -7.99 9.45
C ASP B 24 20.50 -6.49 9.19
N ILE B 25 20.86 -5.71 10.20
CA ILE B 25 20.80 -4.26 10.12
C ILE B 25 21.73 -3.64 9.08
N GLU B 26 22.98 -4.09 9.01
CA GLU B 26 23.93 -3.54 8.03
C GLU B 26 23.41 -3.76 6.61
N ALA B 27 22.87 -4.96 6.35
CA ALA B 27 22.33 -5.30 5.03
C ALA B 27 21.14 -4.42 4.64
N ILE B 28 20.23 -4.18 5.59
CA ILE B 28 19.06 -3.33 5.35
C ILE B 28 19.50 -1.89 5.04
N VAL B 29 20.36 -1.34 5.88
CA VAL B 29 20.84 0.02 5.69
C VAL B 29 21.50 0.18 4.31
N GLN B 30 22.16 -0.88 3.85
CA GLN B 30 22.84 -0.86 2.55
C GLN B 30 21.85 -0.75 1.38
N MET B 31 20.60 -1.13 1.61
CA MET B 31 19.58 -1.05 0.56
C MET B 31 19.11 0.36 0.31
N TYR B 32 19.43 1.28 1.22
CA TYR B 32 19.01 2.66 1.13
C TYR B 32 19.98 3.60 0.45
N ALA B 33 19.43 4.62 -0.21
CA ALA B 33 20.22 5.64 -0.87
C ALA B 33 20.69 6.59 0.23
N ASP B 34 21.74 7.36 -0.05
CA ASP B 34 22.26 8.30 0.94
C ASP B 34 21.28 9.40 1.35
N ASP B 35 20.46 9.84 0.39
CA ASP B 35 19.48 10.88 0.65
C ASP B 35 18.06 10.33 0.87
N ALA B 36 17.97 9.06 1.25
CA ALA B 36 16.70 8.41 1.48
C ALA B 36 15.97 8.95 2.71
N THR B 37 14.65 8.76 2.72
CA THR B 37 13.81 9.17 3.84
C THR B 37 12.90 8.00 4.23
N VAL B 38 12.63 7.86 5.51
CA VAL B 38 11.76 6.79 6.00
C VAL B 38 10.66 7.47 6.78
N GLU B 39 9.42 7.06 6.52
CA GLU B 39 8.25 7.58 7.24
C GLU B 39 7.56 6.36 7.83
N ASP B 40 7.77 6.14 9.12
CA ASP B 40 7.20 4.98 9.80
C ASP B 40 6.86 5.30 11.27
N PRO B 41 5.57 5.34 11.60
CA PRO B 41 4.46 5.12 10.67
C PRO B 41 4.20 6.36 9.84
N PHE B 42 3.53 6.19 8.70
CA PHE B 42 3.23 7.32 7.84
C PHE B 42 2.39 8.28 8.67
N GLY B 43 2.76 9.56 8.64
CA GLY B 43 2.06 10.56 9.43
C GLY B 43 3.04 11.20 10.42
N GLN B 44 4.11 10.47 10.74
CA GLN B 44 5.16 10.93 11.64
C GLN B 44 6.22 11.67 10.84
N PRO B 45 7.03 12.52 11.49
CA PRO B 45 8.07 13.25 10.77
C PRO B 45 9.05 12.24 10.16
N PRO B 46 9.44 12.47 8.90
CA PRO B 46 10.36 11.56 8.20
C PRO B 46 11.80 11.64 8.70
N ILE B 47 12.47 10.49 8.77
CA ILE B 47 13.87 10.49 9.19
C ILE B 47 14.68 10.44 7.90
N HIS B 48 15.87 11.02 7.93
CA HIS B 48 16.71 11.07 6.74
C HIS B 48 18.18 10.81 7.02
N GLY B 49 18.88 10.24 6.04
CA GLY B 49 20.30 9.99 6.20
C GLY B 49 20.60 8.64 6.81
N ARG B 50 21.71 8.03 6.36
CA ARG B 50 22.15 6.71 6.84
C ARG B 50 22.20 6.54 8.35
N GLU B 51 22.81 7.49 9.06
CA GLU B 51 22.92 7.38 10.52
C GLU B 51 21.56 7.27 11.20
N GLN B 52 20.63 8.15 10.84
CA GLN B 52 19.30 8.13 11.44
C GLN B 52 18.55 6.86 11.05
N ILE B 53 18.71 6.44 9.79
CA ILE B 53 18.03 5.24 9.31
C ILE B 53 18.59 4.00 9.97
N ALA B 54 19.89 3.99 10.21
CA ALA B 54 20.53 2.86 10.87
C ALA B 54 20.04 2.79 12.33
N ALA B 55 19.96 3.95 12.97
CA ALA B 55 19.48 4.05 14.36
C ALA B 55 18.05 3.51 14.45
N PHE B 56 17.22 3.92 13.50
CA PHE B 56 15.83 3.47 13.44
C PHE B 56 15.75 1.94 13.47
N TYR B 57 16.48 1.28 12.57
CA TYR B 57 16.46 -0.18 12.50
C TYR B 57 17.10 -0.87 13.70
N ARG B 58 18.17 -0.28 14.22
CA ARG B 58 18.85 -0.86 15.37
C ARG B 58 17.89 -0.83 16.55
N GLN B 59 17.17 0.28 16.69
CA GLN B 59 16.22 0.47 17.76
C GLN B 59 15.03 -0.47 17.65
N GLY B 60 14.51 -0.65 16.44
CA GLY B 60 13.37 -1.51 16.24
C GLY B 60 13.66 -3.00 16.22
N LEU B 61 14.79 -3.40 15.64
CA LEU B 61 15.14 -4.82 15.57
C LEU B 61 16.06 -5.28 16.69
N GLY B 62 16.26 -6.56 16.65
CA GLY B 62 17.20 -7.67 16.72
C GLY B 62 17.06 -8.59 17.93
N GLY B 63 16.71 -8.03 19.08
CA GLY B 63 16.56 -8.80 20.29
C GLY B 63 15.34 -9.72 20.32
N GLY B 64 14.47 -9.50 21.30
CA GLY B 64 13.28 -10.31 21.43
C GLY B 64 12.33 -10.10 20.26
N LYS B 65 13.16 -10.46 19.34
CA LYS B 65 12.86 -11.46 18.34
C LYS B 65 11.77 -11.01 17.36
N VAL B 66 12.18 -10.35 16.28
CA VAL B 66 11.26 -9.87 15.26
C VAL B 66 11.24 -10.81 14.07
N ARG B 67 10.05 -11.14 13.60
CA ARG B 67 9.90 -11.98 12.42
C ARG B 67 8.88 -11.29 11.51
N ALA B 68 9.18 -11.23 10.22
CA ALA B 68 8.29 -10.57 9.27
C ALA B 68 8.05 -11.51 8.10
N CYS B 69 6.83 -11.47 7.58
CA CYS B 69 6.47 -12.32 6.45
C CYS B 69 5.50 -11.64 5.51
N LEU B 70 5.77 -11.74 4.21
CA LEU B 70 4.89 -11.17 3.21
C LEU B 70 3.58 -11.90 3.34
N THR B 71 2.48 -11.16 3.35
CA THR B 71 1.19 -11.81 3.47
C THR B 71 0.43 -11.79 2.14
N GLY B 72 1.07 -11.21 1.13
CA GLY B 72 0.48 -11.13 -0.19
C GLY B 72 1.54 -10.73 -1.21
N PRO B 73 1.20 -10.74 -2.52
CA PRO B 73 2.10 -10.38 -3.61
C PRO B 73 2.54 -8.93 -3.55
N VAL B 74 3.78 -8.68 -3.97
CA VAL B 74 4.29 -7.32 -4.02
C VAL B 74 3.64 -6.71 -5.27
N ARG B 75 3.04 -5.53 -5.11
CA ARG B 75 2.42 -4.84 -6.25
C ARG B 75 3.50 -3.90 -6.77
N ALA B 76 3.91 -4.10 -8.02
CA ALA B 76 4.96 -3.25 -8.58
C ALA B 76 4.50 -2.45 -9.77
N SER B 77 5.02 -1.24 -9.91
CA SER B 77 4.66 -0.39 -11.03
C SER B 77 5.83 -0.35 -12.01
N HIS B 78 5.69 0.41 -13.08
CA HIS B 78 6.76 0.53 -14.08
C HIS B 78 7.68 1.72 -13.85
N ASN B 79 7.40 2.51 -12.83
CA ASN B 79 8.24 3.67 -12.56
C ASN B 79 9.13 3.50 -11.31
N GLY B 80 9.47 2.25 -11.04
CA GLY B 80 10.33 1.92 -9.91
C GLY B 80 9.72 2.07 -8.54
N CYS B 81 8.43 1.79 -8.43
CA CYS B 81 7.74 1.88 -7.17
C CYS B 81 6.98 0.60 -6.92
N GLY B 82 6.74 0.31 -5.64
CA GLY B 82 6.00 -0.90 -5.30
C GLY B 82 5.32 -0.76 -3.97
N ALA B 83 4.44 -1.71 -3.66
CA ALA B 83 3.71 -1.72 -2.40
C ALA B 83 3.52 -3.17 -2.00
N MET B 84 3.63 -3.45 -0.71
CA MET B 84 3.49 -4.82 -0.24
C MET B 84 2.86 -4.92 1.14
N PRO B 85 2.07 -5.98 1.36
CA PRO B 85 1.39 -6.25 2.62
C PRO B 85 2.23 -7.27 3.40
N PHE B 86 2.38 -7.10 4.70
CA PHE B 86 3.14 -8.05 5.48
C PHE B 86 2.78 -7.98 6.95
N ARG B 87 3.09 -9.06 7.67
CA ARG B 87 2.84 -9.11 9.10
C ARG B 87 4.15 -9.18 9.86
N VAL B 88 4.19 -8.48 10.99
CA VAL B 88 5.37 -8.45 11.84
C VAL B 88 4.97 -9.03 13.19
N GLU B 89 5.81 -9.91 13.72
CA GLU B 89 5.55 -10.52 15.01
C GLU B 89 6.72 -10.15 15.89
N MET B 90 6.43 -9.58 17.04
CA MET B 90 7.48 -9.22 17.96
C MET B 90 7.01 -9.40 19.39
N VAL B 91 7.82 -8.93 20.34
CA VAL B 91 7.52 -9.07 21.74
C VAL B 91 7.58 -7.72 22.44
N TRP B 92 6.78 -7.58 23.51
CA TRP B 92 6.75 -6.37 24.32
C TRP B 92 6.75 -6.90 25.76
N ASN B 93 7.87 -6.71 26.46
CA ASN B 93 8.04 -7.17 27.84
C ASN B 93 7.68 -8.66 27.96
N GLY B 94 8.20 -9.46 27.03
CA GLY B 94 7.93 -10.89 27.05
C GLY B 94 6.61 -11.32 26.44
N GLN B 95 5.74 -10.36 26.14
CA GLN B 95 4.43 -10.66 25.57
C GLN B 95 4.42 -10.55 24.04
N PRO B 96 3.93 -11.60 23.36
CA PRO B 96 3.84 -11.65 21.90
C PRO B 96 2.83 -10.62 21.37
N CYS B 97 3.20 -9.97 20.28
CA CYS B 97 2.38 -8.97 19.63
C CYS B 97 2.45 -9.19 18.11
N ALA B 98 1.55 -8.56 17.36
CA ALA B 98 1.54 -8.67 15.90
C ALA B 98 1.05 -7.36 15.32
N LEU B 99 1.55 -7.02 14.14
CA LEU B 99 1.16 -5.79 13.45
C LEU B 99 1.09 -6.06 11.95
N ASP B 100 -0.02 -5.65 11.33
CA ASP B 100 -0.23 -5.79 9.89
C ASP B 100 0.20 -4.46 9.29
N VAL B 101 1.09 -4.51 8.30
CA VAL B 101 1.63 -3.31 7.69
C VAL B 101 1.64 -3.34 6.16
N ILE B 102 1.67 -2.15 5.57
CA ILE B 102 1.78 -2.02 4.13
C ILE B 102 2.88 -0.99 3.93
N ASP B 103 3.93 -1.38 3.22
CA ASP B 103 5.04 -0.46 2.91
C ASP B 103 4.94 -0.05 1.45
N VAL B 104 5.22 1.21 1.16
CA VAL B 104 5.24 1.74 -0.19
C VAL B 104 6.67 2.23 -0.37
N MET B 105 7.34 1.75 -1.41
CA MET B 105 8.74 2.13 -1.65
C MET B 105 8.99 2.64 -3.06
N ARG B 106 9.87 3.64 -3.15
CA ARG B 106 10.29 4.22 -4.42
C ARG B 106 11.79 4.01 -4.52
N PHE B 107 12.24 3.37 -5.59
CA PHE B 107 13.66 3.11 -5.79
C PHE B 107 14.25 4.12 -6.76
N ASP B 108 15.53 4.43 -6.59
CA ASP B 108 16.20 5.38 -7.46
C ASP B 108 16.79 4.70 -8.70
N GLU B 109 17.46 5.47 -9.54
CA GLU B 109 18.07 4.94 -10.75
C GLU B 109 19.29 4.05 -10.51
N HIS B 110 19.44 3.58 -9.28
CA HIS B 110 20.57 2.74 -8.91
C HIS B 110 20.08 1.52 -8.15
N GLY B 111 18.78 1.32 -8.12
CA GLY B 111 18.24 0.16 -7.42
C GLY B 111 18.17 0.27 -5.91
N ARG B 112 18.37 1.47 -5.37
CA ARG B 112 18.34 1.69 -3.93
C ARG B 112 17.02 2.37 -3.52
N ILE B 113 16.59 2.15 -2.27
CA ILE B 113 15.35 2.75 -1.75
C ILE B 113 15.59 4.22 -1.48
N GLN B 114 14.82 5.07 -2.15
CA GLN B 114 14.94 6.51 -1.97
C GLN B 114 13.94 6.96 -0.91
N THR B 115 12.78 6.31 -0.88
CA THR B 115 11.76 6.66 0.10
C THR B 115 10.99 5.42 0.50
N MET B 116 10.68 5.33 1.80
CA MET B 116 9.90 4.22 2.33
C MET B 116 8.84 4.83 3.24
N GLN B 117 7.61 4.34 3.11
CA GLN B 117 6.50 4.83 3.91
C GLN B 117 5.76 3.62 4.40
N ALA B 118 5.54 3.54 5.70
CA ALA B 118 4.83 2.40 6.27
C ALA B 118 3.47 2.82 6.82
N TYR B 119 2.42 2.17 6.33
CA TYR B 119 1.05 2.45 6.77
C TYR B 119 0.61 1.46 7.81
N TRP B 120 0.22 1.99 8.96
CA TRP B 120 -0.27 1.19 10.07
C TRP B 120 -0.54 2.11 11.25
N SER B 121 -1.38 1.65 12.17
CA SER B 121 -1.68 2.38 13.39
C SER B 121 -2.15 1.33 14.38
N GLU B 122 -2.60 1.76 15.56
CA GLU B 122 -3.05 0.83 16.58
C GLU B 122 -4.21 -0.05 16.15
N VAL B 123 -4.95 0.34 15.12
CA VAL B 123 -6.07 -0.48 14.64
C VAL B 123 -5.53 -1.77 13.99
N ASN B 124 -4.25 -1.75 13.60
CA ASN B 124 -3.59 -2.89 12.96
C ASN B 124 -2.72 -3.66 13.95
N LEU B 125 -2.77 -3.26 15.22
CA LEU B 125 -1.96 -3.83 16.27
C LEU B 125 -2.66 -4.81 17.20
N SER B 126 -1.92 -5.80 17.67
CA SER B 126 -2.43 -6.80 18.59
C SER B 126 -1.33 -7.07 19.61
N VAL B 127 -1.53 -6.61 20.84
CA VAL B 127 -0.54 -6.80 21.90
C VAL B 127 -0.96 -7.96 22.81
N ARG B 128 -1.66 -8.92 22.24
CA ARG B 128 -2.15 -10.05 23.00
C ARG B 128 -1.95 -11.38 22.29
N GLU B 129 -0.73 -11.60 21.81
CA GLU B 129 -0.30 -12.84 21.14
C GLU B 129 -0.14 -12.93 19.62
N PRO B 130 -1.16 -12.55 18.81
CA PRO B 130 -1.07 -12.63 17.34
C PRO B 130 0.29 -12.33 16.73
C1 DXC C . -6.93 -1.43 -18.49
C2 DXC C . -6.67 -2.42 -17.35
C3 DXC C . -7.79 -3.47 -17.25
C4 DXC C . -9.21 -2.82 -17.11
C5 DXC C . -9.40 -1.85 -18.29
C6 DXC C . -8.33 -0.76 -18.33
C7 DXC C . -7.50 -4.45 -16.08
C8 DXC C . -7.69 -3.78 -14.71
C9 DXC C . -9.06 -3.11 -14.55
C10 DXC C . -9.31 -2.09 -15.70
C11 DXC C . -9.18 -2.36 -13.21
C12 DXC C . -10.55 -1.68 -13.01
C13 DXC C . -10.83 -0.66 -14.14
C14 DXC C . -10.70 -1.41 -15.50
C15 DXC C . -8.95 -3.10 -11.88
C16 DXC C . -9.68 -2.25 -10.82
C17 DXC C . -10.32 -1.08 -11.59
C18 DXC C . -10.33 -3.89 -17.19
C19 DXC C . -11.53 -0.46 -10.80
O1 DXC C . -9.90 0.40 -14.04
O2 DXC C . -5.86 -0.50 -18.52
C20 DXC C . -11.70 -2.72 -12.99
C21 DXC C . -11.06 0.04 -9.41
C22 DXC C . -10.02 1.16 -9.44
C23 DXC C . -9.00 0.91 -8.32
O3 DXC C . -7.87 0.64 -8.50
O4 DXC C . -9.55 1.02 -7.11
C24 DXC C . -12.18 0.71 -11.56
C1 DXC D . 6.87 1.88 18.37
C2 DXC D . 6.03 0.84 17.61
C3 DXC D . 6.43 -0.60 18.00
C4 DXC D . 7.95 -0.87 17.81
C5 DXC D . 8.72 0.19 18.61
C6 DXC D . 8.39 1.62 18.15
C7 DXC D . 5.56 -1.62 17.19
C8 DXC D . 5.96 -1.66 15.70
C9 DXC D . 7.47 -1.94 15.51
C10 DXC D . 8.32 -0.87 16.26
C11 DXC D . 7.86 -1.92 14.02
C12 DXC D . 9.35 -2.21 13.76
C13 DXC D . 10.24 -1.16 14.49
C14 DXC D . 9.84 -1.15 16.01
C15 DXC D . 7.14 -2.86 13.04
C16 DXC D . 8.10 -2.99 11.85
C17 DXC D . 9.33 -2.15 12.21
C18 DXC D . 8.33 -2.25 18.40
C19 DXC D . 10.59 -2.58 11.39
O1 DXC D . 10.02 0.11 13.90
O2 DXC D . 6.44 3.18 17.96
C20 DXC D . 9.73 -3.63 14.25
C21 DXC D . 10.30 -2.48 9.86
C22 DXC D . 10.13 -1.07 9.29
C23 DXC D . 9.04 -1.12 8.26
O3 DXC D . 7.97 -0.60 8.36
O4 DXC D . 9.38 -1.84 7.20
C24 DXC D . 11.82 -1.74 11.72
#